data_4AK9
#
_entry.id   4AK9
#
_cell.length_a   67.580
_cell.length_b   123.460
_cell.length_c   75.040
_cell.angle_alpha   90.00
_cell.angle_beta   90.00
_cell.angle_gamma   90.00
#
_symmetry.space_group_name_H-M   'P 21 21 2'
#
loop_
_entity.id
_entity.type
_entity.pdbx_description
1 polymer CPFTSY
2 water water
#
_entity_poly.entity_id   1
_entity_poly.type   'polypeptide(L)'
_entity_poly.pdbx_seq_one_letter_code
;MGSSHHHHHHSQDPDIQLLFSGFSKTRENLAVVDELLTYWNLDESESILDELEEVLLVSDFGPKTALKIVDTIRKDILAG
RLKSGPQIKEALKKNIFKLLTERVTTTELQLGNSRPAVLMIVGVNGGGKTTTLGKLANRFKKEGVKVLMAAGDTFRAAAG
EQLEVWAQRTGSEIVMAEGPKPRPAAVLSQAVRRAVEEDFDVVLCDTSGRLHTNYNLMEELRGCKRAVSKALSSAPNEVL
LVLDGTTGLNMLAQAREFNQVIGVTGFILTKLDGTARGGCVVSVVDELSIPVKFVGVGEGIDDLQPFDAQSFVDALFP
;
_entity_poly.pdbx_strand_id   A,B
#
# COMPACT_ATOMS: atom_id res chain seq x y z
N SER A 11 22.99 -7.18 22.86
CA SER A 11 21.98 -8.23 22.74
C SER A 11 21.60 -8.48 21.27
N GLN A 12 22.17 -9.52 20.67
CA GLN A 12 21.92 -9.81 19.26
C GLN A 12 20.59 -10.51 19.02
N ASP A 13 19.89 -10.86 20.10
CA ASP A 13 18.53 -11.40 20.01
C ASP A 13 17.53 -10.24 20.20
N PRO A 14 16.45 -10.22 19.40
CA PRO A 14 15.48 -9.13 19.58
C PRO A 14 14.69 -9.23 20.89
N ASP A 15 14.39 -8.08 21.51
CA ASP A 15 13.46 -7.99 22.63
C ASP A 15 12.07 -8.38 22.14
N ILE A 16 11.60 -9.55 22.56
CA ILE A 16 10.32 -10.09 22.10
C ILE A 16 9.11 -9.20 22.44
N GLN A 17 9.08 -8.59 23.61
CA GLN A 17 7.90 -7.74 23.93
C GLN A 17 7.89 -6.44 23.14
N LEU A 18 9.08 -5.90 22.83
CA LEU A 18 9.14 -4.73 21.96
C LEU A 18 8.63 -5.05 20.54
N LEU A 19 9.02 -6.22 20.00
CA LEU A 19 8.48 -6.65 18.71
C LEU A 19 6.97 -6.86 18.77
N PHE A 20 6.52 -7.48 19.86
CA PHE A 20 5.11 -7.77 20.03
C PHE A 20 4.27 -6.51 20.07
N SER A 21 4.68 -5.54 20.88
CA SER A 21 3.92 -4.30 20.92
C SER A 21 4.08 -3.51 19.64
N GLY A 22 5.28 -3.56 19.06
CA GLY A 22 5.54 -2.86 17.80
C GLY A 22 4.62 -3.26 16.65
N PHE A 23 4.29 -4.54 16.58
CA PHE A 23 3.42 -5.00 15.51
C PHE A 23 1.94 -5.12 15.87
N SER A 24 1.52 -4.49 16.97
CA SER A 24 0.12 -4.68 17.41
C SER A 24 -0.90 -4.20 16.38
N LYS A 25 -0.63 -3.08 15.71
CA LYS A 25 -1.60 -2.63 14.70
C LYS A 25 -1.70 -3.56 13.51
N THR A 26 -0.55 -4.09 13.08
CA THR A 26 -0.55 -5.06 12.00
C THR A 26 -1.28 -6.33 12.43
N ARG A 27 -1.01 -6.77 13.66
CA ARG A 27 -1.56 -8.03 14.18
C ARG A 27 -3.07 -7.97 14.26
N GLU A 28 -3.60 -6.79 14.58
CA GLU A 28 -5.05 -6.64 14.68
C GLU A 28 -5.79 -6.82 13.35
N ASN A 29 -5.23 -6.32 12.25
CA ASN A 29 -5.83 -6.68 10.97
C ASN A 29 -5.69 -8.16 10.72
N LEU A 30 -4.50 -8.71 11.02
CA LEU A 30 -4.27 -10.12 10.70
C LEU A 30 -5.06 -11.10 11.57
N ALA A 31 -5.63 -10.59 12.67
CA ALA A 31 -6.40 -11.44 13.59
C ALA A 31 -7.66 -12.03 12.96
N VAL A 32 -8.21 -11.36 11.97
CA VAL A 32 -9.40 -11.89 11.33
C VAL A 32 -9.14 -13.22 10.61
N VAL A 33 -7.86 -13.54 10.37
CA VAL A 33 -7.51 -14.79 9.68
C VAL A 33 -8.07 -16.02 10.41
N ASP A 34 -7.89 -16.06 11.72
CA ASP A 34 -8.42 -17.17 12.54
C ASP A 34 -9.94 -17.29 12.40
N GLU A 35 -10.64 -16.17 12.51
CA GLU A 35 -12.09 -16.16 12.33
C GLU A 35 -12.48 -16.68 10.95
N LEU A 36 -11.80 -16.17 9.92
CA LEU A 36 -12.05 -16.57 8.55
C LEU A 36 -11.89 -18.05 8.34
N LEU A 37 -10.90 -18.60 9.01
CA LEU A 37 -10.52 -19.98 8.74
C LEU A 37 -11.51 -20.92 9.43
N THR A 38 -12.27 -20.40 10.39
CA THR A 38 -13.35 -21.17 10.99
C THR A 38 -14.45 -21.44 9.97
N TYR A 39 -14.52 -20.61 8.93
CA TYR A 39 -15.51 -20.83 7.88
C TYR A 39 -14.98 -21.70 6.76
N TRP A 40 -13.74 -22.17 6.91
CA TRP A 40 -13.12 -22.95 5.84
C TRP A 40 -13.73 -24.37 5.71
N ASN A 41 -14.03 -24.73 4.47
CA ASN A 41 -14.36 -26.08 4.06
C ASN A 41 -14.04 -26.19 2.57
N LEU A 42 -14.10 -27.40 2.03
CA LEU A 42 -13.63 -27.65 0.67
C LEU A 42 -14.46 -27.01 -0.42
N ASP A 43 -15.74 -26.81 -0.13
CA ASP A 43 -16.68 -26.23 -1.08
C ASP A 43 -16.35 -24.76 -1.24
N GLU A 44 -16.21 -24.07 -0.12
CA GLU A 44 -15.92 -22.65 -0.14
C GLU A 44 -14.42 -22.36 -0.11
N SER A 45 -13.57 -23.39 -0.28
CA SER A 45 -12.12 -23.19 -0.06
C SER A 45 -11.62 -22.03 -0.89
N GLU A 46 -11.90 -22.05 -2.18
CA GLU A 46 -11.40 -21.03 -3.08
C GLU A 46 -11.88 -19.62 -2.71
N SER A 47 -13.13 -19.50 -2.28
CA SER A 47 -13.68 -18.23 -1.79
C SER A 47 -12.99 -17.74 -0.52
N ILE A 48 -12.75 -18.68 0.39
CA ILE A 48 -12.14 -18.37 1.67
C ILE A 48 -10.70 -17.93 1.44
N LEU A 49 -10.02 -18.55 0.49
CA LEU A 49 -8.61 -18.26 0.29
C LEU A 49 -8.46 -16.92 -0.43
N ASP A 50 -9.42 -16.57 -1.28
CA ASP A 50 -9.48 -15.21 -1.84
C ASP A 50 -9.61 -14.19 -0.74
N GLU A 51 -10.54 -14.41 0.18
CA GLU A 51 -10.70 -13.53 1.33
C GLU A 51 -9.42 -13.44 2.16
N LEU A 52 -8.76 -14.58 2.37
CA LEU A 52 -7.49 -14.63 3.09
C LEU A 52 -6.43 -13.77 2.40
N GLU A 53 -6.33 -13.92 1.07
CA GLU A 53 -5.34 -13.18 0.32
C GLU A 53 -5.61 -11.68 0.44
N GLU A 54 -6.87 -11.30 0.39
CA GLU A 54 -7.26 -9.88 0.59
C GLU A 54 -6.92 -9.36 1.98
N VAL A 55 -7.02 -10.19 3.03
CA VAL A 55 -6.62 -9.75 4.35
C VAL A 55 -5.11 -9.43 4.35
N LEU A 56 -4.33 -10.28 3.70
CA LEU A 56 -2.89 -10.01 3.55
C LEU A 56 -2.60 -8.71 2.80
N LEU A 57 -3.36 -8.42 1.76
CA LEU A 57 -3.18 -7.19 0.98
C LEU A 57 -3.46 -5.96 1.85
N VAL A 58 -4.41 -6.06 2.77
CA VAL A 58 -4.70 -4.96 3.68
C VAL A 58 -3.45 -4.63 4.53
N SER A 59 -2.71 -5.64 4.95
CA SER A 59 -1.47 -5.41 5.68
C SER A 59 -0.23 -5.20 4.79
N ASP A 60 -0.41 -4.97 3.50
CA ASP A 60 0.73 -4.72 2.60
C ASP A 60 1.73 -5.84 2.39
N PHE A 61 1.29 -7.09 2.54
CA PHE A 61 1.83 -8.13 1.67
C PHE A 61 1.38 -7.73 0.25
N GLY A 62 2.32 -7.43 -0.63
CA GLY A 62 1.95 -6.92 -1.95
C GLY A 62 1.31 -7.99 -2.84
N PRO A 63 0.67 -7.57 -3.96
CA PRO A 63 -0.07 -8.56 -4.78
C PRO A 63 0.78 -9.79 -5.14
N LYS A 64 2.02 -9.60 -5.56
CA LYS A 64 2.82 -10.76 -5.91
C LYS A 64 3.19 -11.66 -4.74
N THR A 65 3.50 -11.04 -3.60
CA THR A 65 3.90 -11.79 -2.40
C THR A 65 2.69 -12.57 -1.83
N ALA A 66 1.55 -11.90 -1.73
CA ALA A 66 0.31 -12.52 -1.25
C ALA A 66 -0.11 -13.67 -2.18
N LEU A 67 0.05 -13.47 -3.50
CA LEU A 67 -0.29 -14.49 -4.49
C LEU A 67 0.53 -15.75 -4.23
N LYS A 68 1.84 -15.60 -4.04
CA LYS A 68 2.66 -16.79 -3.88
C LYS A 68 2.48 -17.46 -2.52
N ILE A 69 2.20 -16.68 -1.46
CA ILE A 69 1.90 -17.28 -0.17
C ILE A 69 0.65 -18.13 -0.22
N VAL A 70 -0.43 -17.59 -0.78
CA VAL A 70 -1.70 -18.30 -0.78
C VAL A 70 -1.71 -19.43 -1.82
N ASP A 71 -1.02 -19.24 -2.94
CA ASP A 71 -1.01 -20.23 -4.01
C ASP A 71 -0.42 -21.55 -3.54
N THR A 72 0.63 -21.49 -2.73
CA THR A 72 1.20 -22.69 -2.10
C THR A 72 0.18 -23.43 -1.21
N ILE A 73 -0.62 -22.68 -0.48
CA ILE A 73 -1.68 -23.24 0.35
C ILE A 73 -2.75 -23.91 -0.51
N ARG A 74 -3.14 -23.25 -1.60
CA ARG A 74 -4.11 -23.80 -2.54
C ARG A 74 -3.65 -25.17 -3.07
N LYS A 75 -2.38 -25.28 -3.46
CA LYS A 75 -1.84 -26.56 -3.99
C LYS A 75 -1.83 -27.64 -2.92
N ASP A 76 -1.41 -27.28 -1.70
CA ASP A 76 -1.36 -28.23 -0.59
C ASP A 76 -2.76 -28.73 -0.23
N ILE A 77 -3.76 -27.85 -0.37
CA ILE A 77 -5.14 -28.27 -0.15
C ILE A 77 -5.60 -29.24 -1.23
N LEU A 78 -5.36 -28.88 -2.49
CA LEU A 78 -5.78 -29.71 -3.63
C LEU A 78 -5.09 -31.08 -3.58
N ALA A 79 -3.91 -31.12 -2.94
CA ALA A 79 -3.09 -32.34 -2.85
C ALA A 79 -3.41 -33.20 -1.61
N GLY A 80 -4.27 -32.69 -0.74
CA GLY A 80 -4.68 -33.43 0.44
C GLY A 80 -3.81 -33.24 1.67
N ARG A 81 -2.76 -32.43 1.55
CA ARG A 81 -1.85 -32.19 2.69
C ARG A 81 -2.48 -31.31 3.78
N LEU A 82 -3.39 -30.42 3.38
CA LEU A 82 -4.05 -29.55 4.35
C LEU A 82 -5.56 -29.79 4.37
N LYS A 83 -6.14 -30.00 5.55
CA LYS A 83 -7.55 -30.39 5.66
C LYS A 83 -8.30 -29.69 6.74
N SER A 84 -7.72 -28.64 7.28
CA SER A 84 -8.41 -27.94 8.33
C SER A 84 -7.94 -26.48 8.42
N GLY A 85 -8.78 -25.66 9.03
CA GLY A 85 -8.44 -24.28 9.35
C GLY A 85 -7.11 -24.13 10.08
N PRO A 86 -6.96 -24.82 11.22
CA PRO A 86 -5.70 -24.83 11.96
C PRO A 86 -4.48 -25.23 11.10
N GLN A 87 -4.65 -26.20 10.21
CA GLN A 87 -3.52 -26.64 9.39
C GLN A 87 -3.15 -25.58 8.36
N ILE A 88 -4.16 -24.88 7.85
CA ILE A 88 -3.95 -23.84 6.85
C ILE A 88 -3.23 -22.66 7.51
N LYS A 89 -3.64 -22.35 8.73
CA LYS A 89 -3.02 -21.30 9.55
C LYS A 89 -1.56 -21.61 9.79
N GLU A 90 -1.26 -22.85 10.16
CA GLU A 90 0.14 -23.24 10.32
C GLU A 90 0.92 -23.12 9.02
N ALA A 91 0.31 -23.49 7.89
CA ALA A 91 1.03 -23.43 6.62
C ALA A 91 1.30 -21.98 6.23
N LEU A 92 0.32 -21.12 6.53
CA LEU A 92 0.47 -19.69 6.28
C LEU A 92 1.71 -19.13 7.00
N LYS A 93 1.85 -19.45 8.28
CA LYS A 93 3.02 -19.00 9.05
C LYS A 93 4.31 -19.54 8.47
N LYS A 94 4.35 -20.84 8.15
CA LYS A 94 5.57 -21.44 7.61
C LYS A 94 5.97 -20.87 6.28
N ASN A 95 4.99 -20.60 5.41
CA ASN A 95 5.28 -20.06 4.10
C ASN A 95 5.85 -18.66 4.22
N ILE A 96 5.37 -17.90 5.20
CA ILE A 96 5.91 -16.56 5.41
C ILE A 96 7.33 -16.66 5.93
N PHE A 97 7.57 -17.57 6.88
CA PHE A 97 8.93 -17.80 7.34
C PHE A 97 9.86 -18.19 6.19
N LYS A 98 9.41 -19.08 5.31
CA LYS A 98 10.26 -19.47 4.17
C LYS A 98 10.59 -18.32 3.24
N LEU A 99 9.58 -17.52 2.90
CA LEU A 99 9.81 -16.36 2.03
C LEU A 99 10.84 -15.44 2.66
N LEU A 100 10.84 -15.33 3.99
CA LEU A 100 11.77 -14.42 4.68
C LEU A 100 13.21 -14.92 4.76
N THR A 101 13.41 -16.21 4.53
CA THR A 101 14.69 -16.81 4.83
C THR A 101 15.34 -17.63 3.70
N GLU A 102 14.55 -18.13 2.77
CA GLU A 102 15.10 -19.08 1.79
C GLU A 102 16.11 -18.48 0.80
N ARG A 103 16.02 -17.18 0.52
CA ARG A 103 16.83 -16.58 -0.53
C ARG A 103 17.89 -15.60 -0.01
N VAL A 104 17.60 -14.89 1.10
CA VAL A 104 18.51 -13.83 1.53
C VAL A 104 19.69 -14.29 2.33
N THR A 105 20.71 -13.45 2.34
CA THR A 105 21.86 -13.66 3.20
C THR A 105 21.51 -13.34 4.65
N THR A 106 22.43 -13.61 5.56
CA THR A 106 22.18 -13.41 6.99
C THR A 106 21.73 -11.99 7.38
N THR A 107 20.87 -11.91 8.39
CA THR A 107 20.41 -10.63 8.90
C THR A 107 21.49 -9.92 9.71
N GLU A 108 22.52 -10.67 10.11
CA GLU A 108 23.58 -10.12 10.93
C GLU A 108 24.42 -9.09 10.20
N LEU A 109 24.93 -8.12 10.95
CA LEU A 109 25.92 -7.21 10.37
C LEU A 109 27.23 -7.97 10.13
N GLN A 110 27.88 -7.70 9.01
CA GLN A 110 29.10 -8.40 8.63
C GLN A 110 30.24 -7.44 8.81
N LEU A 111 30.90 -7.52 9.97
CA LEU A 111 31.90 -6.52 10.29
C LEU A 111 33.29 -6.99 9.87
N GLY A 112 33.38 -8.26 9.49
CA GLY A 112 34.61 -8.82 8.97
C GLY A 112 35.67 -9.13 10.01
N ASN A 113 36.89 -9.36 9.52
CA ASN A 113 38.01 -9.76 10.35
C ASN A 113 38.77 -8.57 10.92
N SER A 114 38.86 -7.52 10.12
CA SER A 114 39.71 -6.39 10.46
C SER A 114 38.88 -5.20 10.90
N ARG A 115 39.53 -4.28 11.62
CA ARG A 115 38.90 -3.08 12.06
C ARG A 115 39.66 -1.90 11.48
N PRO A 116 38.97 -0.77 11.24
CA PRO A 116 37.56 -0.54 11.56
C PRO A 116 36.61 -1.14 10.53
N ALA A 117 35.44 -1.58 10.97
CA ALA A 117 34.33 -1.82 10.04
C ALA A 117 33.72 -0.47 9.69
N VAL A 118 33.13 -0.38 8.50
CA VAL A 118 32.53 0.88 8.06
C VAL A 118 31.10 0.59 7.55
N LEU A 119 30.13 1.27 8.15
CA LEU A 119 28.71 1.08 7.77
C LEU A 119 28.22 2.39 7.17
N MET A 120 27.75 2.36 5.93
CA MET A 120 27.13 3.54 5.34
C MET A 120 25.61 3.46 5.48
N ILE A 121 25.00 4.52 5.97
CA ILE A 121 23.55 4.56 6.15
C ILE A 121 23.00 5.42 5.01
N VAL A 122 22.09 4.88 4.22
CA VAL A 122 21.56 5.65 3.09
C VAL A 122 20.03 5.70 3.11
N GLY A 123 19.44 6.58 2.31
CA GLY A 123 17.99 6.71 2.27
C GLY A 123 17.50 8.12 2.09
N VAL A 124 16.18 8.27 2.05
CA VAL A 124 15.63 9.57 1.65
C VAL A 124 15.49 10.54 2.80
N ASN A 125 15.26 10.03 3.99
CA ASN A 125 14.84 10.94 5.04
C ASN A 125 15.95 11.23 6.01
N GLY A 126 16.50 12.45 5.93
CA GLY A 126 17.63 12.86 6.75
C GLY A 126 17.43 12.52 8.21
N GLY A 127 16.23 12.80 8.69
CA GLY A 127 15.93 12.64 10.10
C GLY A 127 15.79 11.20 10.56
N GLY A 128 15.15 10.36 9.73
CA GLY A 128 15.02 8.95 10.01
C GLY A 128 16.38 8.29 10.02
N LYS A 129 17.20 8.66 9.04
CA LYS A 129 18.57 8.18 8.93
C LYS A 129 19.38 8.58 10.16
N THR A 130 19.24 9.84 10.58
CA THR A 130 19.97 10.37 11.74
C THR A 130 19.60 9.61 13.00
N THR A 131 18.30 9.45 13.23
CA THR A 131 17.82 8.72 14.39
C THR A 131 18.30 7.28 14.36
N THR A 132 18.23 6.64 13.19
CA THR A 132 18.67 5.24 13.10
C THR A 132 20.15 5.09 13.43
N LEU A 133 20.94 6.00 12.89
CA LEU A 133 22.38 6.12 13.12
C LEU A 133 22.64 6.17 14.65
N GLY A 134 21.92 7.04 15.34
CA GLY A 134 22.07 7.15 16.80
C GLY A 134 21.71 5.86 17.53
N LYS A 135 20.62 5.22 17.12
CA LYS A 135 20.23 4.00 17.81
C LYS A 135 21.15 2.84 17.49
N LEU A 136 21.74 2.84 16.29
CA LEU A 136 22.77 1.82 16.01
C LEU A 136 23.98 2.03 16.92
N ALA A 137 24.42 3.26 17.02
CA ALA A 137 25.56 3.62 17.87
C ALA A 137 25.36 3.14 19.29
N ASN A 138 24.15 3.33 19.80
CA ASN A 138 23.82 2.96 21.16
C ASN A 138 23.95 1.45 21.36
N ARG A 139 23.57 0.67 20.34
CA ARG A 139 23.79 -0.77 20.39
C ARG A 139 25.26 -1.16 20.46
N PHE A 140 26.09 -0.50 19.66
CA PHE A 140 27.52 -0.81 19.67
C PHE A 140 28.16 -0.44 21.00
N LYS A 141 27.81 0.74 21.50
CA LYS A 141 28.33 1.23 22.78
C LYS A 141 28.00 0.32 23.94
N LYS A 142 26.80 -0.24 23.94
CA LYS A 142 26.38 -1.17 24.98
C LYS A 142 27.19 -2.46 24.94
N GLU A 143 27.80 -2.75 23.80
CA GLU A 143 28.63 -3.94 23.69
C GLU A 143 30.14 -3.67 23.81
N GLY A 144 30.49 -2.44 24.21
CA GLY A 144 31.89 -2.10 24.45
C GLY A 144 32.67 -1.72 23.20
N VAL A 145 31.93 -1.63 22.09
CA VAL A 145 32.49 -1.28 20.79
C VAL A 145 32.76 0.24 20.70
N LYS A 146 33.93 0.60 20.17
CA LYS A 146 34.32 2.00 20.02
C LYS A 146 33.86 2.59 18.68
N VAL A 147 32.95 3.56 18.73
CA VAL A 147 32.24 4.05 17.55
C VAL A 147 32.65 5.46 17.15
N LEU A 148 32.84 5.67 15.85
CA LEU A 148 33.04 7.00 15.29
C LEU A 148 31.93 7.32 14.30
N MET A 149 31.29 8.48 14.47
CA MET A 149 30.25 8.89 13.53
C MET A 149 30.80 9.84 12.50
N ALA A 150 30.28 9.75 11.27
CA ALA A 150 30.70 10.64 10.18
C ALA A 150 29.52 11.36 9.59
N ALA A 151 29.54 12.69 9.66
CA ALA A 151 28.43 13.51 9.21
C ALA A 151 28.51 13.83 7.73
N GLY A 152 28.20 12.82 6.89
CA GLY A 152 28.37 12.99 5.46
C GLY A 152 27.14 13.51 4.76
N ASP A 153 26.05 13.68 5.50
CA ASP A 153 24.89 14.38 4.96
C ASP A 153 25.16 15.88 5.13
N THR A 154 25.84 16.46 4.14
CA THR A 154 26.17 17.87 4.14
C THR A 154 25.02 18.66 3.51
N ALA A 157 22.33 21.93 6.92
CA ALA A 157 23.49 21.61 7.76
C ALA A 157 23.08 21.21 9.18
N ALA A 158 21.78 21.04 9.39
CA ALA A 158 21.26 20.63 10.68
C ALA A 158 21.48 19.13 10.90
N ALA A 159 21.57 18.40 9.79
CA ALA A 159 21.87 16.96 9.83
C ALA A 159 23.11 16.68 10.72
N GLY A 160 24.21 17.39 10.45
CA GLY A 160 25.42 17.27 11.24
C GLY A 160 25.19 17.58 12.72
N GLU A 161 24.42 18.63 12.99
CA GLU A 161 24.13 19.00 14.38
C GLU A 161 23.30 17.93 15.11
N GLN A 162 22.32 17.36 14.40
CA GLN A 162 21.49 16.34 14.97
C GLN A 162 22.33 15.11 15.31
N LEU A 163 23.28 14.79 14.42
CA LEU A 163 24.14 13.64 14.61
C LEU A 163 25.02 13.86 15.81
N GLU A 164 25.48 15.09 15.99
CA GLU A 164 26.34 15.47 17.12
C GLU A 164 25.64 15.19 18.45
N VAL A 165 24.33 15.42 18.49
CA VAL A 165 23.57 15.13 19.70
C VAL A 165 23.56 13.64 20.00
N TRP A 166 23.40 12.83 18.95
CA TRP A 166 23.43 11.40 19.13
C TRP A 166 24.82 10.92 19.53
N ALA A 167 25.85 11.58 19.03
CA ALA A 167 27.21 11.18 19.38
C ALA A 167 27.37 11.35 20.89
N GLN A 168 26.87 12.47 21.37
CA GLN A 168 26.92 12.80 22.81
C GLN A 168 26.14 11.83 23.69
N ARG A 169 24.88 11.59 23.33
CA ARG A 169 24.05 10.66 24.09
C ARG A 169 24.67 9.27 24.15
N THR A 170 25.36 8.89 23.08
CA THR A 170 25.86 7.52 23.03
C THR A 170 27.31 7.41 23.39
N GLY A 171 27.99 8.53 23.57
CA GLY A 171 29.40 8.47 23.92
C GLY A 171 30.27 8.10 22.74
N SER A 172 29.80 8.44 21.53
CA SER A 172 30.55 8.20 20.30
C SER A 172 31.28 9.46 19.92
N GLU A 173 32.40 9.30 19.23
CA GLU A 173 33.10 10.45 18.64
C GLU A 173 32.46 10.78 17.30
N ILE A 174 32.72 11.98 16.78
CA ILE A 174 32.11 12.38 15.51
C ILE A 174 33.04 13.22 14.66
N VAL A 175 33.05 12.94 13.35
CA VAL A 175 33.76 13.77 12.38
C VAL A 175 32.73 14.59 11.62
N MET A 176 32.93 15.90 11.56
CA MET A 176 32.03 16.79 10.82
C MET A 176 32.71 17.62 9.72
N ALA A 177 31.92 18.31 8.90
CA ALA A 177 32.44 19.17 7.85
C ALA A 177 33.20 20.40 8.39
N PRO A 182 32.41 22.22 1.84
CA PRO A 182 31.82 21.10 2.59
C PRO A 182 31.28 20.00 1.67
N ARG A 183 32.14 19.04 1.34
CA ARG A 183 31.75 17.95 0.46
C ARG A 183 31.74 16.67 1.27
N PRO A 184 30.71 15.86 1.08
CA PRO A 184 30.43 14.61 1.80
C PRO A 184 31.55 13.59 1.66
N ALA A 185 32.02 13.38 0.43
CA ALA A 185 33.08 12.41 0.18
C ALA A 185 34.32 12.69 1.04
N ALA A 186 34.71 13.97 1.15
CA ALA A 186 35.87 14.35 1.94
C ALA A 186 35.67 14.11 3.45
N VAL A 187 34.45 14.37 3.92
CA VAL A 187 34.10 14.09 5.31
C VAL A 187 34.22 12.61 5.61
N LEU A 188 33.62 11.80 4.71
CA LEU A 188 33.68 10.38 4.91
C LEU A 188 35.11 9.84 4.90
N SER A 189 35.94 10.33 3.96
CA SER A 189 37.29 9.80 3.86
C SER A 189 38.12 10.22 5.06
N GLN A 190 37.92 11.45 5.51
CA GLN A 190 38.55 11.93 6.74
C GLN A 190 38.16 11.06 7.95
N ALA A 191 36.88 10.69 8.07
CA ALA A 191 36.50 9.84 9.19
C ALA A 191 37.07 8.45 9.09
N VAL A 192 37.12 7.89 7.88
CA VAL A 192 37.66 6.55 7.77
C VAL A 192 39.16 6.53 8.11
N ARG A 193 39.88 7.53 7.61
CA ARG A 193 41.31 7.65 7.91
C ARG A 193 41.54 7.77 9.40
N ARG A 194 40.74 8.62 10.04
CA ARG A 194 40.87 8.83 11.47
C ARG A 194 40.60 7.56 12.25
N ALA A 195 39.64 6.76 11.77
CA ALA A 195 39.32 5.54 12.47
C ALA A 195 40.44 4.51 12.36
N VAL A 196 41.12 4.49 11.21
CA VAL A 196 42.21 3.55 11.02
C VAL A 196 43.37 3.96 11.93
N GLU A 197 43.66 5.27 11.95
CA GLU A 197 44.76 5.77 12.76
C GLU A 197 44.51 5.61 14.25
N GLU A 198 43.28 5.83 14.68
CA GLU A 198 42.97 5.89 16.11
C GLU A 198 42.30 4.65 16.67
N ASP A 199 42.34 3.55 15.92
CA ASP A 199 41.96 2.26 16.47
C ASP A 199 40.47 2.19 16.88
N PHE A 200 39.59 2.84 16.11
CA PHE A 200 38.14 2.75 16.29
C PHE A 200 37.64 1.41 15.75
N ASP A 201 36.56 0.86 16.30
CA ASP A 201 36.09 -0.44 15.85
C ASP A 201 35.10 -0.34 14.70
N VAL A 202 34.32 0.74 14.69
CA VAL A 202 33.21 0.86 13.73
C VAL A 202 33.05 2.32 13.37
N VAL A 203 32.86 2.60 12.08
CA VAL A 203 32.54 3.95 11.65
C VAL A 203 31.11 3.92 11.09
N LEU A 204 30.26 4.81 11.59
CA LEU A 204 28.87 4.91 11.13
C LEU A 204 28.70 6.16 10.30
N CYS A 205 28.49 6.00 9.00
CA CYS A 205 28.46 7.15 8.05
C CYS A 205 27.06 7.58 7.67
N ASP A 206 26.76 8.87 7.82
CA ASP A 206 25.53 9.42 7.26
C ASP A 206 25.81 9.86 5.84
N THR A 207 24.79 9.89 4.99
CA THR A 207 24.95 10.31 3.60
C THR A 207 23.77 11.18 3.19
N SER A 208 23.94 11.94 2.12
CA SER A 208 22.83 12.76 1.65
C SER A 208 21.88 11.89 0.82
N GLY A 209 20.60 12.23 0.83
CA GLY A 209 19.65 11.51 -0.02
C GLY A 209 18.34 12.25 -0.11
N ARG A 210 17.63 12.05 -1.21
CA ARG A 210 16.32 12.64 -1.40
C ARG A 210 15.32 11.56 -1.81
N LEU A 211 14.05 11.91 -1.79
CA LEU A 211 13.00 11.00 -2.19
C LEU A 211 13.14 10.60 -3.65
N HIS A 212 13.50 11.57 -4.49
CA HIS A 212 13.79 11.27 -5.88
C HIS A 212 15.24 11.63 -6.20
N THR A 213 16.01 10.63 -6.62
CA THR A 213 17.41 10.83 -7.00
C THR A 213 17.51 11.60 -8.28
N ASN A 214 18.47 12.51 -8.33
CA ASN A 214 18.86 13.11 -9.60
C ASN A 214 20.29 12.71 -9.92
N TYR A 215 20.74 13.05 -11.11
CA TYR A 215 22.07 12.69 -11.58
C TYR A 215 23.12 13.12 -10.57
N ASN A 216 23.01 14.36 -10.08
CA ASN A 216 24.04 14.90 -9.19
C ASN A 216 24.09 14.20 -7.85
N LEU A 217 22.93 13.97 -7.26
CA LEU A 217 22.86 13.28 -5.99
C LEU A 217 23.36 11.86 -6.15
N MET A 218 22.98 11.23 -7.27
CA MET A 218 23.40 9.86 -7.55
C MET A 218 24.92 9.83 -7.59
N GLU A 219 25.48 10.81 -8.27
CA GLU A 219 26.91 10.83 -8.44
C GLU A 219 27.62 11.07 -7.13
N GLU A 220 27.04 11.92 -6.30
CA GLU A 220 27.58 12.20 -4.98
C GLU A 220 27.63 10.97 -4.07
N LEU A 221 26.55 10.19 -4.08
CA LEU A 221 26.55 8.99 -3.26
C LEU A 221 27.58 7.99 -3.76
N ARG A 222 27.68 7.82 -5.08
CA ARG A 222 28.67 6.89 -5.61
C ARG A 222 30.08 7.37 -5.27
N GLY A 223 30.27 8.69 -5.32
CA GLY A 223 31.54 9.32 -4.98
C GLY A 223 31.90 9.08 -3.53
N CYS A 224 30.89 9.05 -2.66
CA CYS A 224 31.10 8.73 -1.25
C CYS A 224 31.54 7.29 -1.08
N LYS A 225 30.91 6.38 -1.82
CA LYS A 225 31.30 4.98 -1.74
C LYS A 225 32.75 4.85 -2.16
N ARG A 226 33.12 5.55 -3.22
CA ARG A 226 34.50 5.43 -3.75
C ARG A 226 35.55 5.99 -2.80
N ALA A 227 35.26 7.15 -2.20
CA ALA A 227 36.13 7.74 -1.19
C ALA A 227 36.31 6.85 0.02
N VAL A 228 35.23 6.19 0.46
CA VAL A 228 35.32 5.28 1.58
C VAL A 228 36.21 4.09 1.23
N SER A 229 35.98 3.47 0.07
CA SER A 229 36.79 2.29 -0.35
C SER A 229 38.26 2.64 -0.61
N LYS A 230 38.51 3.86 -1.05
CA LYS A 230 39.91 4.29 -1.25
C LYS A 230 40.61 4.48 0.10
N ALA A 231 39.92 5.02 1.09
CA ALA A 231 40.51 5.18 2.42
C ALA A 231 40.72 3.85 3.11
N LEU A 232 39.84 2.91 2.83
CA LEU A 232 39.97 1.57 3.42
C LEU A 232 39.34 0.57 2.48
N SER A 233 40.17 -0.29 1.90
CA SER A 233 39.72 -1.15 0.80
C SER A 233 38.64 -2.17 1.19
N SER A 234 38.56 -2.51 2.48
CA SER A 234 37.53 -3.46 2.96
C SER A 234 36.16 -2.79 3.18
N ALA A 235 36.11 -1.48 2.99
CA ALA A 235 34.93 -0.69 3.29
C ALA A 235 34.21 -0.25 2.00
N PRO A 236 32.88 -0.01 2.08
CA PRO A 236 32.01 -0.23 3.27
C PRO A 236 31.68 -1.70 3.50
N ASN A 237 31.60 -2.12 4.76
CA ASN A 237 31.22 -3.50 5.08
C ASN A 237 29.71 -3.70 4.95
N GLU A 238 28.95 -2.63 5.21
CA GLU A 238 27.49 -2.64 5.07
C GLU A 238 27.02 -1.33 4.42
N VAL A 239 26.00 -1.42 3.59
CA VAL A 239 25.29 -0.24 3.09
C VAL A 239 23.81 -0.50 3.50
N LEU A 240 23.36 0.25 4.48
CA LEU A 240 22.06 -0.01 5.09
C LEU A 240 21.09 1.05 4.62
N LEU A 241 20.03 0.62 3.94
CA LEU A 241 19.01 1.54 3.46
C LEU A 241 17.85 1.69 4.48
N VAL A 242 17.59 2.91 4.92
CA VAL A 242 16.60 3.17 5.95
C VAL A 242 15.30 3.53 5.23
N LEU A 243 14.24 2.77 5.51
CA LEU A 243 12.95 2.99 4.84
C LEU A 243 11.84 3.21 5.88
N ASP A 244 10.97 4.16 5.63
CA ASP A 244 9.85 4.48 6.54
C ASP A 244 8.69 3.48 6.39
N GLY A 245 8.53 2.63 7.40
CA GLY A 245 7.51 1.58 7.44
C GLY A 245 6.09 2.11 7.29
N THR A 246 5.87 3.38 7.60
CA THR A 246 4.50 3.90 7.48
C THR A 246 4.09 4.14 6.04
N THR A 247 5.04 4.17 5.11
CA THR A 247 4.68 4.23 3.71
C THR A 247 4.37 2.86 3.15
N GLY A 248 4.58 1.84 3.97
CA GLY A 248 4.25 0.47 3.55
C GLY A 248 4.88 0.05 2.23
N LEU A 249 4.08 -0.57 1.37
CA LEU A 249 4.59 -1.13 0.13
C LEU A 249 5.13 -0.02 -0.77
N ASN A 250 4.65 1.19 -0.53
CA ASN A 250 5.15 2.32 -1.31
C ASN A 250 6.63 2.55 -1.20
N MET A 251 7.25 1.98 -0.17
CA MET A 251 8.72 2.06 0.01
C MET A 251 9.52 1.30 -1.06
N LEU A 252 8.88 0.37 -1.79
CA LEU A 252 9.59 -0.41 -2.80
C LEU A 252 10.15 0.46 -3.93
N ALA A 253 9.48 1.56 -4.27
CA ALA A 253 9.96 2.44 -5.35
C ALA A 253 11.32 3.05 -5.01
N GLN A 254 11.41 3.67 -3.83
CA GLN A 254 12.69 4.28 -3.45
C GLN A 254 13.74 3.19 -3.13
N ALA A 255 13.33 2.00 -2.70
CA ALA A 255 14.30 0.93 -2.46
C ALA A 255 14.98 0.43 -3.74
N ARG A 256 14.17 0.28 -4.79
CA ARG A 256 14.72 -0.10 -6.09
C ARG A 256 15.67 0.96 -6.61
N GLU A 257 15.29 2.22 -6.47
CA GLU A 257 16.10 3.34 -6.96
C GLU A 257 17.43 3.41 -6.23
N PHE A 258 17.41 3.33 -4.91
CA PHE A 258 18.68 3.36 -4.17
C PHE A 258 19.59 2.20 -4.51
N ASN A 259 19.04 1.01 -4.71
CA ASN A 259 19.88 -0.13 -4.97
C ASN A 259 20.49 -0.08 -6.37
N GLN A 260 19.90 0.71 -7.26
CA GLN A 260 20.53 0.94 -8.56
C GLN A 260 21.73 1.89 -8.42
N VAL A 261 21.66 2.82 -7.47
CA VAL A 261 22.78 3.74 -7.20
C VAL A 261 23.97 3.08 -6.48
N ILE A 262 23.68 2.29 -5.43
CA ILE A 262 24.70 1.72 -4.57
C ILE A 262 24.27 0.32 -4.12
N GLY A 263 25.24 -0.56 -3.90
CA GLY A 263 24.93 -1.92 -3.51
C GLY A 263 24.43 -2.01 -2.06
N VAL A 264 23.09 -2.05 -1.89
CA VAL A 264 22.48 -2.12 -0.55
C VAL A 264 22.66 -3.53 0.01
N THR A 265 23.15 -3.63 1.23
CA THR A 265 23.40 -4.94 1.83
C THR A 265 22.31 -5.32 2.84
N GLY A 266 21.50 -4.35 3.25
CA GLY A 266 20.44 -4.65 4.22
C GLY A 266 19.49 -3.47 4.36
N PHE A 267 18.25 -3.77 4.73
CA PHE A 267 17.29 -2.70 5.01
C PHE A 267 17.09 -2.50 6.52
N ILE A 268 16.78 -1.27 6.87
CA ILE A 268 16.24 -0.91 8.18
C ILE A 268 14.89 -0.25 8.00
N LEU A 269 13.85 -0.90 8.54
CA LEU A 269 12.48 -0.41 8.37
C LEU A 269 12.04 0.23 9.67
N THR A 270 11.82 1.52 9.64
CA THR A 270 11.50 2.28 10.85
C THR A 270 10.00 2.52 11.02
N LYS A 271 9.62 2.98 12.21
CA LYS A 271 8.26 3.48 12.51
C LYS A 271 7.17 2.44 12.30
N LEU A 272 7.51 1.17 12.53
CA LEU A 272 6.54 0.12 12.25
C LEU A 272 5.43 0.06 13.30
N ASP A 273 5.65 0.65 14.46
CA ASP A 273 4.60 0.69 15.49
C ASP A 273 3.43 1.59 15.06
N GLY A 274 3.67 2.48 14.10
CA GLY A 274 2.64 3.41 13.66
C GLY A 274 1.76 2.97 12.51
N THR A 275 1.95 1.75 12.03
CA THR A 275 1.22 1.31 10.84
C THR A 275 0.67 -0.10 10.98
N ALA A 276 -0.44 -0.37 10.27
CA ALA A 276 -1.00 -1.71 10.15
C ALA A 276 -0.37 -2.45 8.97
N ARG A 277 0.55 -1.79 8.27
CA ARG A 277 1.08 -2.29 7.01
C ARG A 277 2.37 -3.06 7.18
N GLY A 278 2.49 -3.80 8.29
CA GLY A 278 3.69 -4.56 8.63
C GLY A 278 4.10 -5.68 7.66
N GLY A 279 3.18 -6.10 6.79
CA GLY A 279 3.47 -7.08 5.74
C GLY A 279 4.51 -6.55 4.76
N CYS A 280 4.73 -5.22 4.76
CA CYS A 280 5.73 -4.63 3.86
C CYS A 280 7.14 -5.21 4.11
N VAL A 281 7.40 -5.65 5.34
CA VAL A 281 8.65 -6.36 5.64
C VAL A 281 8.83 -7.59 4.74
N VAL A 282 7.77 -8.38 4.61
CA VAL A 282 7.84 -9.58 3.80
C VAL A 282 7.97 -9.24 2.32
N SER A 283 7.19 -8.27 1.88
CA SER A 283 7.21 -7.87 0.49
C SER A 283 8.56 -7.36 0.04
N VAL A 284 9.21 -6.56 0.89
CA VAL A 284 10.52 -6.03 0.50
C VAL A 284 11.58 -7.13 0.42
N VAL A 285 11.55 -8.08 1.34
CA VAL A 285 12.52 -9.18 1.30
C VAL A 285 12.25 -10.06 0.07
N ASP A 286 10.98 -10.36 -0.16
CA ASP A 286 10.56 -11.17 -1.30
C ASP A 286 10.92 -10.53 -2.65
N GLU A 287 10.59 -9.26 -2.82
CA GLU A 287 10.82 -8.59 -4.10
C GLU A 287 12.25 -8.23 -4.35
N LEU A 288 13.01 -7.86 -3.32
CA LEU A 288 14.37 -7.31 -3.53
C LEU A 288 15.49 -8.30 -3.24
N SER A 289 15.16 -9.43 -2.60
CA SER A 289 16.15 -10.45 -2.28
C SER A 289 17.33 -9.91 -1.47
N ILE A 290 17.04 -8.96 -0.57
CA ILE A 290 18.04 -8.35 0.33
C ILE A 290 17.40 -8.36 1.72
N PRO A 291 18.17 -8.80 2.74
CA PRO A 291 17.53 -8.99 4.05
C PRO A 291 17.16 -7.66 4.74
N VAL A 292 16.09 -7.72 5.51
CA VAL A 292 15.82 -6.67 6.51
C VAL A 292 16.71 -7.02 7.71
N LYS A 293 17.52 -6.05 8.18
CA LYS A 293 18.47 -6.33 9.23
C LYS A 293 18.04 -5.78 10.60
N PHE A 294 17.30 -4.67 10.59
CA PHE A 294 16.71 -4.08 11.81
C PHE A 294 15.28 -3.60 11.54
N VAL A 295 14.43 -3.65 12.58
CA VAL A 295 13.14 -2.97 12.52
C VAL A 295 13.02 -1.97 13.69
N GLY A 296 12.52 -0.78 13.38
CA GLY A 296 12.27 0.24 14.39
C GLY A 296 10.86 0.06 14.87
N VAL A 297 10.71 -0.21 16.16
CA VAL A 297 9.37 -0.53 16.68
C VAL A 297 8.91 0.39 17.81
N GLY A 298 9.53 1.57 17.90
CA GLY A 298 9.15 2.53 18.91
C GLY A 298 10.06 3.73 18.88
N GLU A 299 9.70 4.74 19.67
CA GLU A 299 10.45 5.99 19.76
C GLU A 299 11.63 5.91 20.74
N GLY A 300 11.69 4.86 21.56
CA GLY A 300 12.79 4.72 22.52
C GLY A 300 14.14 4.43 21.87
N ILE A 301 15.23 4.77 22.56
CA ILE A 301 16.55 4.57 21.99
C ILE A 301 16.83 3.08 21.79
N ASP A 302 16.20 2.23 22.60
CA ASP A 302 16.44 0.80 22.46
C ASP A 302 15.40 0.13 21.54
N ASP A 303 14.60 0.94 20.87
CA ASP A 303 13.50 0.40 20.07
C ASP A 303 13.90 0.00 18.64
N LEU A 304 15.20 0.03 18.35
CA LEU A 304 15.71 -0.48 17.07
C LEU A 304 16.18 -1.91 17.33
N GLN A 305 15.48 -2.87 16.75
CA GLN A 305 15.73 -4.27 17.08
C GLN A 305 16.28 -5.02 15.89
N PRO A 306 17.20 -5.96 16.14
CA PRO A 306 17.72 -6.79 15.06
C PRO A 306 16.60 -7.69 14.55
N PHE A 307 16.54 -7.92 13.25
CA PHE A 307 15.44 -8.69 12.70
C PHE A 307 15.65 -10.20 12.83
N ASP A 308 14.60 -10.92 13.18
CA ASP A 308 14.63 -12.38 13.12
C ASP A 308 13.30 -12.84 12.56
N ALA A 309 13.35 -13.68 11.52
CA ALA A 309 12.15 -14.08 10.79
C ALA A 309 11.16 -14.83 11.66
N GLN A 310 11.64 -15.78 12.44
CA GLN A 310 10.71 -16.48 13.33
C GLN A 310 10.02 -15.56 14.36
N SER A 311 10.79 -14.67 14.99
CA SER A 311 10.21 -13.74 15.96
C SER A 311 9.17 -12.83 15.31
N PHE A 312 9.46 -12.41 14.09
CA PHE A 312 8.55 -11.54 13.37
C PHE A 312 7.24 -12.28 13.09
N VAL A 313 7.34 -13.52 12.63
CA VAL A 313 6.15 -14.26 12.29
C VAL A 313 5.32 -14.49 13.55
N ASP A 314 5.99 -14.82 14.65
CA ASP A 314 5.30 -14.98 15.94
C ASP A 314 4.65 -13.68 16.47
N ALA A 315 5.21 -12.53 16.11
CA ALA A 315 4.62 -11.26 16.48
C ALA A 315 3.36 -10.93 15.66
N LEU A 316 3.32 -11.34 14.41
CA LEU A 316 2.14 -11.14 13.57
C LEU A 316 1.05 -12.15 13.89
N PHE A 317 1.48 -13.38 14.20
CA PHE A 317 0.55 -14.50 14.38
C PHE A 317 0.88 -15.27 15.65
N PRO A 318 0.62 -14.68 16.82
CA PRO A 318 0.96 -15.39 18.06
C PRO A 318 0.07 -16.62 18.28
N PRO B 14 -25.86 12.64 -2.95
CA PRO B 14 -24.49 12.71 -2.42
C PRO B 14 -24.51 13.34 -1.03
N ASP B 15 -24.60 12.48 -0.01
CA ASP B 15 -24.70 12.95 1.38
C ASP B 15 -23.35 13.38 1.93
N ILE B 16 -23.18 14.70 2.08
CA ILE B 16 -21.90 15.28 2.51
C ILE B 16 -21.40 14.79 3.88
N GLN B 17 -22.29 14.59 4.85
CA GLN B 17 -21.82 14.13 6.15
C GLN B 17 -21.44 12.65 6.16
N LEU B 18 -22.08 11.85 5.32
CA LEU B 18 -21.66 10.45 5.16
C LEU B 18 -20.25 10.35 4.57
N LEU B 19 -19.96 11.15 3.54
CA LEU B 19 -18.62 11.22 2.93
C LEU B 19 -17.61 11.72 3.93
N PHE B 20 -17.98 12.79 4.65
CA PHE B 20 -17.09 13.35 5.64
C PHE B 20 -16.69 12.36 6.73
N SER B 21 -17.66 11.66 7.30
CA SER B 21 -17.37 10.71 8.34
C SER B 21 -16.64 9.50 7.76
N GLY B 22 -16.98 9.13 6.51
CA GLY B 22 -16.38 7.99 5.87
C GLY B 22 -14.87 8.12 5.70
N PHE B 23 -14.40 9.34 5.44
CA PHE B 23 -12.98 9.56 5.17
C PHE B 23 -12.25 10.13 6.38
N SER B 24 -12.83 9.98 7.56
CA SER B 24 -12.22 10.52 8.77
C SER B 24 -10.82 9.94 9.08
N LYS B 25 -10.62 8.64 8.89
CA LYS B 25 -9.29 8.07 9.13
C LYS B 25 -8.28 8.59 8.11
N THR B 26 -8.69 8.77 6.87
CA THR B 26 -7.77 9.25 5.85
C THR B 26 -7.44 10.71 6.18
N ARG B 27 -8.45 11.45 6.57
CA ARG B 27 -8.29 12.89 6.81
C ARG B 27 -7.35 13.13 7.97
N GLU B 28 -7.38 12.26 8.97
CA GLU B 28 -6.47 12.35 10.10
C GLU B 28 -4.98 12.24 9.75
N ASN B 29 -4.60 11.33 8.84
CA ASN B 29 -3.20 11.32 8.41
C ASN B 29 -2.89 12.58 7.63
N LEU B 30 -3.84 13.02 6.82
CA LEU B 30 -3.59 14.13 5.89
C LEU B 30 -3.56 15.46 6.64
N ALA B 31 -4.03 15.46 7.89
CA ALA B 31 -4.08 16.68 8.69
C ALA B 31 -2.67 17.22 8.97
N VAL B 32 -1.68 16.34 8.97
CA VAL B 32 -0.32 16.81 9.21
C VAL B 32 0.18 17.74 8.10
N VAL B 33 -0.49 17.74 6.94
CA VAL B 33 -0.09 18.62 5.84
C VAL B 33 -0.11 20.10 6.24
N ASP B 34 -1.18 20.54 6.89
CA ASP B 34 -1.27 21.91 7.41
C ASP B 34 -0.12 22.25 8.37
N GLU B 35 0.16 21.37 9.33
CA GLU B 35 1.25 21.56 10.26
C GLU B 35 2.55 21.74 9.49
N LEU B 36 2.77 20.85 8.52
CA LEU B 36 3.96 20.84 7.71
C LEU B 36 4.16 22.17 6.95
N LEU B 37 3.07 22.75 6.44
CA LEU B 37 3.13 23.97 5.61
C LEU B 37 3.11 25.31 6.36
N THR B 38 3.01 25.26 7.69
CA THR B 38 3.32 26.46 8.48
C THR B 38 4.84 26.64 8.42
N TYR B 39 5.52 25.56 8.12
CA TYR B 39 6.98 25.55 8.05
C TYR B 39 7.50 25.89 6.64
N TRP B 40 6.67 26.56 5.83
CA TRP B 40 7.08 26.80 4.47
C TRP B 40 7.67 28.20 4.22
N ASN B 41 8.78 28.19 3.51
CA ASN B 41 9.40 29.37 2.94
C ASN B 41 10.24 28.83 1.83
N LEU B 42 10.58 29.68 0.88
CA LEU B 42 11.30 29.26 -0.31
C LEU B 42 12.61 28.55 -0.01
N ASP B 43 13.32 28.99 1.03
CA ASP B 43 14.63 28.45 1.29
C ASP B 43 14.54 26.96 1.70
N GLU B 44 13.56 26.65 2.56
CA GLU B 44 13.40 25.28 3.09
C GLU B 44 12.34 24.47 2.32
N SER B 45 12.28 24.58 0.99
CA SER B 45 11.11 24.10 0.26
C SER B 45 11.20 22.66 -0.17
N GLU B 46 12.32 22.29 -0.77
CA GLU B 46 12.49 20.93 -1.30
C GLU B 46 12.38 19.86 -0.23
N SER B 47 12.92 20.13 0.96
CA SER B 47 12.78 19.22 2.10
C SER B 47 11.33 19.09 2.55
N ILE B 48 10.64 20.23 2.60
CA ILE B 48 9.25 20.25 3.04
C ILE B 48 8.37 19.51 2.03
N LEU B 49 8.67 19.67 0.74
CA LEU B 49 7.86 19.00 -0.30
C LEU B 49 8.12 17.49 -0.30
N ASP B 50 9.35 17.08 0.01
CA ASP B 50 9.63 15.65 0.19
C ASP B 50 8.80 15.07 1.32
N GLU B 51 8.75 15.79 2.43
CA GLU B 51 7.90 15.35 3.54
C GLU B 51 6.43 15.37 3.17
N LEU B 52 6.01 16.37 2.42
CA LEU B 52 4.64 16.40 1.92
C LEU B 52 4.35 15.18 1.04
N GLU B 53 5.27 14.87 0.13
CA GLU B 53 5.03 13.72 -0.74
C GLU B 53 4.95 12.43 0.08
N GLU B 54 5.80 12.31 1.11
CA GLU B 54 5.72 11.12 1.99
C GLU B 54 4.41 11.05 2.77
N VAL B 55 3.86 12.18 3.20
CA VAL B 55 2.54 12.17 3.81
C VAL B 55 1.51 11.60 2.87
N LEU B 56 1.53 12.04 1.60
CA LEU B 56 0.63 11.47 0.60
C LEU B 56 0.81 9.95 0.43
N LEU B 57 2.07 9.49 0.43
CA LEU B 57 2.31 8.04 0.27
C LEU B 57 1.72 7.25 1.43
N VAL B 58 1.74 7.83 2.63
CA VAL B 58 1.14 7.16 3.80
C VAL B 58 -0.35 6.95 3.61
N SER B 59 -1.04 7.91 2.98
CA SER B 59 -2.45 7.71 2.61
C SER B 59 -2.72 7.03 1.26
N ASP B 60 -1.70 6.40 0.65
CA ASP B 60 -1.93 5.62 -0.60
C ASP B 60 -2.29 6.37 -1.86
N PHE B 61 -1.87 7.64 -1.93
CA PHE B 61 -1.55 8.18 -3.20
C PHE B 61 -0.33 7.35 -3.58
N GLY B 62 -0.35 6.67 -4.73
CA GLY B 62 0.77 5.83 -5.13
C GLY B 62 1.99 6.66 -5.55
N PRO B 63 3.15 6.01 -5.68
CA PRO B 63 4.40 6.72 -6.00
C PRO B 63 4.26 7.60 -7.24
N LYS B 64 3.66 7.10 -8.31
CA LYS B 64 3.52 7.94 -9.50
C LYS B 64 2.58 9.12 -9.36
N THR B 65 1.43 8.89 -8.72
CA THR B 65 0.45 9.92 -8.48
C THR B 65 1.01 11.01 -7.56
N ALA B 66 1.68 10.59 -6.48
CA ALA B 66 2.22 11.56 -5.51
C ALA B 66 3.33 12.38 -6.17
N LEU B 67 4.13 11.71 -6.98
CA LEU B 67 5.20 12.38 -7.74
C LEU B 67 4.64 13.51 -8.60
N LYS B 68 3.59 13.23 -9.38
CA LYS B 68 3.06 14.25 -10.29
C LYS B 68 2.32 15.36 -9.55
N ILE B 69 1.66 15.05 -8.45
CA ILE B 69 0.99 16.08 -7.65
C ILE B 69 2.03 17.07 -7.13
N VAL B 70 3.10 16.55 -6.54
CA VAL B 70 4.03 17.40 -5.84
C VAL B 70 4.98 18.09 -6.84
N ASP B 71 5.29 17.41 -7.94
CA ASP B 71 6.09 18.01 -9.01
C ASP B 71 5.46 19.28 -9.61
N THR B 72 4.14 19.27 -9.80
CA THR B 72 3.43 20.48 -10.27
C THR B 72 3.59 21.63 -9.28
N ILE B 73 3.49 21.32 -7.99
CA ILE B 73 3.60 22.33 -6.95
C ILE B 73 5.01 22.91 -6.97
N ARG B 74 6.00 22.03 -7.11
CA ARG B 74 7.40 22.48 -7.16
C ARG B 74 7.66 23.48 -8.32
N LYS B 75 7.20 23.13 -9.52
CA LYS B 75 7.33 24.05 -10.66
C LYS B 75 6.67 25.39 -10.39
N ASP B 76 5.45 25.35 -9.85
CA ASP B 76 4.73 26.59 -9.51
C ASP B 76 5.47 27.42 -8.45
N ILE B 77 6.17 26.75 -7.54
CA ILE B 77 6.98 27.47 -6.56
C ILE B 77 8.19 28.11 -7.25
N LEU B 78 8.87 27.36 -8.09
CA LEU B 78 10.09 27.85 -8.75
C LEU B 78 9.78 28.92 -9.78
N ALA B 79 8.51 29.04 -10.11
CA ALA B 79 8.06 30.03 -11.08
C ALA B 79 7.50 31.26 -10.39
N GLY B 80 7.37 31.20 -9.07
CA GLY B 80 6.90 32.34 -8.30
C GLY B 80 5.40 32.43 -8.12
N ARG B 81 4.67 31.45 -8.66
CA ARG B 81 3.21 31.46 -8.52
C ARG B 81 2.72 31.12 -7.13
N LEU B 82 3.45 30.25 -6.43
CA LEU B 82 3.11 29.90 -5.07
C LEU B 82 4.18 30.43 -4.12
N LYS B 83 3.77 31.20 -3.15
CA LYS B 83 4.76 31.77 -2.24
C LYS B 83 4.33 31.77 -0.77
N SER B 84 3.48 30.82 -0.38
CA SER B 84 3.12 30.59 1.01
C SER B 84 2.55 29.20 1.24
N GLY B 85 2.58 28.75 2.50
CA GLY B 85 1.95 27.52 2.94
C GLY B 85 0.50 27.42 2.50
N PRO B 86 -0.33 28.44 2.86
CA PRO B 86 -1.73 28.45 2.45
C PRO B 86 -1.94 28.34 0.95
N GLN B 87 -1.08 28.99 0.18
CA GLN B 87 -1.17 28.88 -1.28
C GLN B 87 -0.82 27.49 -1.80
N ILE B 88 0.18 26.87 -1.18
CA ILE B 88 0.59 25.53 -1.58
C ILE B 88 -0.56 24.56 -1.28
N LYS B 89 -1.19 24.73 -0.12
CA LYS B 89 -2.32 23.90 0.31
C LYS B 89 -3.47 23.99 -0.68
N GLU B 90 -3.78 25.21 -1.12
CA GLU B 90 -4.78 25.36 -2.14
C GLU B 90 -4.38 24.72 -3.46
N ALA B 91 -3.11 24.80 -3.84
CA ALA B 91 -2.67 24.16 -5.09
C ALA B 91 -2.79 22.64 -4.95
N LEU B 92 -2.45 22.11 -3.79
CA LEU B 92 -2.54 20.66 -3.55
C LEU B 92 -3.97 20.19 -3.82
N LYS B 93 -4.95 20.91 -3.27
CA LYS B 93 -6.35 20.52 -3.44
C LYS B 93 -6.76 20.62 -4.90
N LYS B 94 -6.35 21.69 -5.59
CA LYS B 94 -6.75 21.85 -6.97
C LYS B 94 -6.15 20.81 -7.89
N ASN B 95 -4.90 20.44 -7.64
CA ASN B 95 -4.23 19.46 -8.48
C ASN B 95 -4.85 18.10 -8.31
N ILE B 96 -5.28 17.80 -7.08
CA ILE B 96 -5.96 16.51 -6.85
C ILE B 96 -7.32 16.49 -7.54
N PHE B 97 -8.08 17.60 -7.46
CA PHE B 97 -9.30 17.71 -8.22
C PHE B 97 -9.05 17.51 -9.72
N LYS B 98 -8.02 18.16 -10.25
CA LYS B 98 -7.72 18.00 -11.67
C LYS B 98 -7.41 16.56 -12.08
N LEU B 99 -6.61 15.88 -11.27
CA LEU B 99 -6.26 14.50 -11.54
C LEU B 99 -7.53 13.63 -11.57
N LEU B 100 -8.52 13.99 -10.76
CA LEU B 100 -9.75 13.20 -10.66
C LEU B 100 -10.73 13.42 -11.78
N THR B 101 -10.53 14.47 -12.58
CA THR B 101 -11.56 14.94 -13.49
C THR B 101 -11.09 15.22 -14.92
N GLU B 102 -9.81 15.56 -15.12
CA GLU B 102 -9.37 16.02 -16.43
C GLU B 102 -9.41 14.97 -17.55
N ARG B 103 -9.29 13.69 -17.21
CA ARG B 103 -9.15 12.65 -18.23
C ARG B 103 -10.37 11.73 -18.30
N VAL B 104 -11.06 11.53 -17.18
CA VAL B 104 -12.13 10.53 -17.17
C VAL B 104 -13.46 11.00 -17.70
N THR B 105 -14.28 10.05 -18.12
CA THR B 105 -15.65 10.36 -18.51
C THR B 105 -16.49 10.58 -17.24
N THR B 106 -17.76 10.90 -17.43
CA THR B 106 -18.63 11.27 -16.32
C THR B 106 -18.79 10.16 -15.28
N THR B 107 -18.96 10.58 -14.02
CA THR B 107 -19.20 9.65 -12.92
C THR B 107 -20.64 9.09 -12.96
N GLU B 108 -21.50 9.72 -13.75
CA GLU B 108 -22.91 9.32 -13.80
C GLU B 108 -23.07 7.96 -14.47
N LEU B 109 -24.06 7.20 -14.03
CA LEU B 109 -24.44 6.01 -14.78
C LEU B 109 -25.08 6.43 -16.11
N GLN B 110 -24.73 5.71 -17.18
CA GLN B 110 -25.21 6.04 -18.52
C GLN B 110 -26.26 5.02 -18.91
N LEU B 111 -27.51 5.34 -18.66
CA LEU B 111 -28.57 4.34 -18.84
C LEU B 111 -29.15 4.41 -20.25
N GLY B 112 -28.77 5.45 -20.98
CA GLY B 112 -29.18 5.59 -22.37
C GLY B 112 -30.61 6.04 -22.58
N ASN B 113 -31.07 5.89 -23.82
CA ASN B 113 -32.37 6.35 -24.27
C ASN B 113 -33.45 5.30 -24.05
N SER B 114 -33.09 4.05 -24.25
CA SER B 114 -34.05 2.97 -24.26
C SER B 114 -33.96 2.14 -22.98
N ARG B 115 -35.04 1.44 -22.66
CA ARG B 115 -35.08 0.56 -21.51
C ARG B 115 -35.29 -0.87 -22.02
N PRO B 116 -34.78 -1.86 -21.29
CA PRO B 116 -34.11 -1.73 -20.00
C PRO B 116 -32.65 -1.34 -20.16
N ALA B 117 -32.11 -0.59 -19.20
CA ALA B 117 -30.67 -0.48 -19.06
C ALA B 117 -30.17 -1.75 -18.37
N VAL B 118 -28.95 -2.16 -18.69
CA VAL B 118 -28.38 -3.35 -18.09
C VAL B 118 -27.02 -3.00 -17.50
N LEU B 119 -26.86 -3.26 -16.20
CA LEU B 119 -25.60 -3.00 -15.48
C LEU B 119 -25.01 -4.32 -15.04
N MET B 120 -23.78 -4.62 -15.47
CA MET B 120 -23.13 -5.83 -14.98
C MET B 120 -22.17 -5.44 -13.86
N ILE B 121 -22.25 -6.16 -12.75
CA ILE B 121 -21.36 -5.87 -11.60
C ILE B 121 -20.31 -6.97 -11.59
N VAL B 122 -19.03 -6.59 -11.55
CA VAL B 122 -17.98 -7.60 -11.63
C VAL B 122 -16.98 -7.36 -10.51
N GLY B 123 -16.11 -8.34 -10.26
CA GLY B 123 -15.10 -8.20 -9.19
C GLY B 123 -14.84 -9.49 -8.47
N VAL B 124 -13.94 -9.44 -7.50
CA VAL B 124 -13.42 -10.66 -6.90
C VAL B 124 -14.31 -11.11 -5.76
N GLY B 127 -19.33 -11.34 -2.14
CA GLY B 127 -20.02 -10.77 -0.99
C GLY B 127 -20.07 -9.26 -1.04
N GLY B 128 -18.93 -8.63 -1.30
CA GLY B 128 -18.89 -7.20 -1.54
C GLY B 128 -19.76 -6.86 -2.76
N LYS B 129 -19.68 -7.70 -3.79
CA LYS B 129 -20.44 -7.49 -5.04
C LYS B 129 -21.92 -7.61 -4.74
N THR B 130 -22.27 -8.63 -3.98
CA THR B 130 -23.66 -8.85 -3.62
C THR B 130 -24.25 -7.72 -2.83
N THR B 131 -23.51 -7.25 -1.82
CA THR B 131 -23.93 -6.09 -1.04
C THR B 131 -24.07 -4.85 -1.91
N THR B 132 -23.11 -4.63 -2.81
CA THR B 132 -23.17 -3.41 -3.61
C THR B 132 -24.38 -3.43 -4.53
N LEU B 133 -24.62 -4.60 -5.11
CA LEU B 133 -25.77 -4.86 -5.97
C LEU B 133 -27.06 -4.47 -5.23
N GLY B 134 -27.18 -4.90 -3.97
CA GLY B 134 -28.33 -4.52 -3.16
C GLY B 134 -28.47 -3.05 -2.89
N LYS B 135 -27.36 -2.40 -2.56
CA LYS B 135 -27.44 -1.00 -2.26
C LYS B 135 -27.74 -0.20 -3.54
N LEU B 136 -27.28 -0.69 -4.72
CA LEU B 136 -27.58 0.02 -5.97
C LEU B 136 -29.08 -0.09 -6.24
N ALA B 137 -29.62 -1.28 -6.03
CA ALA B 137 -31.06 -1.51 -6.20
C ALA B 137 -31.89 -0.58 -5.32
N ASN B 138 -31.43 -0.38 -4.09
CA ASN B 138 -32.12 0.48 -3.15
C ASN B 138 -32.17 1.92 -3.65
N ARG B 139 -31.09 2.38 -4.27
CA ARG B 139 -31.07 3.71 -4.85
C ARG B 139 -32.08 3.84 -5.99
N PHE B 140 -32.15 2.83 -6.84
CA PHE B 140 -33.07 2.89 -7.98
C PHE B 140 -34.53 2.85 -7.50
N LYS B 141 -34.80 1.96 -6.56
CA LYS B 141 -36.14 1.88 -5.96
C LYS B 141 -36.62 3.19 -5.35
N LYS B 142 -35.75 3.89 -4.64
CA LYS B 142 -36.07 5.19 -4.06
C LYS B 142 -36.42 6.24 -5.11
N GLU B 143 -35.99 6.02 -6.35
CA GLU B 143 -36.32 6.96 -7.43
C GLU B 143 -37.47 6.47 -8.33
N GLY B 144 -38.16 5.42 -7.89
CA GLY B 144 -39.33 4.92 -8.60
C GLY B 144 -39.01 4.03 -9.78
N VAL B 145 -37.72 3.69 -9.91
CA VAL B 145 -37.21 2.85 -11.00
C VAL B 145 -37.53 1.37 -10.73
N LYS B 146 -37.98 0.67 -11.77
CA LYS B 146 -38.32 -0.75 -11.67
C LYS B 146 -37.12 -1.68 -11.95
N VAL B 147 -36.66 -2.40 -10.92
CA VAL B 147 -35.39 -3.14 -10.98
C VAL B 147 -35.58 -4.63 -11.04
N LEU B 148 -34.84 -5.28 -11.93
CA LEU B 148 -34.74 -6.73 -11.92
C LEU B 148 -33.31 -7.18 -11.62
N MET B 149 -33.13 -8.06 -10.63
CA MET B 149 -31.80 -8.57 -10.36
C MET B 149 -31.58 -9.89 -11.06
N ALA B 150 -30.34 -10.15 -11.45
CA ALA B 150 -29.97 -11.38 -12.11
C ALA B 150 -28.83 -12.09 -11.38
N ALA B 151 -29.06 -13.32 -10.94
CA ALA B 151 -28.06 -14.03 -10.14
C ALA B 151 -27.11 -14.82 -11.02
N GLY B 152 -26.17 -14.12 -11.65
CA GLY B 152 -25.23 -14.74 -12.56
C GLY B 152 -23.97 -15.28 -11.89
N ASP B 153 -23.81 -15.03 -10.59
CA ASP B 153 -22.71 -15.65 -9.84
C ASP B 153 -23.23 -17.02 -9.44
N THR B 154 -23.06 -17.99 -10.34
CA THR B 154 -23.45 -19.37 -10.06
C THR B 154 -22.27 -20.10 -9.39
N ALA B 157 -23.32 -21.53 -4.21
CA ALA B 157 -24.66 -21.15 -4.63
C ALA B 157 -25.38 -20.26 -3.61
N ALA B 158 -24.64 -19.83 -2.58
CA ALA B 158 -25.17 -18.91 -1.58
C ALA B 158 -25.30 -17.50 -2.16
N ALA B 159 -24.45 -17.19 -3.14
CA ALA B 159 -24.49 -15.91 -3.83
C ALA B 159 -25.93 -15.58 -4.28
N GLY B 160 -26.56 -16.53 -4.97
CA GLY B 160 -27.93 -16.38 -5.41
C GLY B 160 -28.91 -16.13 -4.27
N GLU B 161 -28.73 -16.85 -3.15
CA GLU B 161 -29.60 -16.69 -2.00
C GLU B 161 -29.40 -15.33 -1.34
N GLN B 162 -28.15 -14.89 -1.25
CA GLN B 162 -27.86 -13.59 -0.66
C GLN B 162 -28.52 -12.49 -1.49
N LEU B 163 -28.48 -12.67 -2.81
CA LEU B 163 -29.02 -11.65 -3.73
C LEU B 163 -30.54 -11.61 -3.59
N GLU B 164 -31.12 -12.77 -3.32
CA GLU B 164 -32.56 -12.89 -3.10
C GLU B 164 -33.03 -12.08 -1.90
N VAL B 165 -32.23 -12.06 -0.84
CA VAL B 165 -32.54 -11.26 0.34
C VAL B 165 -32.55 -9.78 0.01
N TRP B 166 -31.58 -9.34 -0.80
CA TRP B 166 -31.53 -7.96 -1.20
C TRP B 166 -32.72 -7.60 -2.10
N ALA B 167 -33.13 -8.55 -2.93
CA ALA B 167 -34.27 -8.33 -3.80
C ALA B 167 -35.52 -8.05 -2.95
N GLN B 168 -35.79 -8.96 -2.02
CA GLN B 168 -36.96 -8.82 -1.13
C GLN B 168 -36.81 -7.54 -0.30
N ARG B 169 -35.61 -7.31 0.21
CA ARG B 169 -35.33 -6.13 1.02
C ARG B 169 -35.61 -4.81 0.28
N THR B 170 -35.34 -4.77 -1.04
CA THR B 170 -35.42 -3.52 -1.81
C THR B 170 -36.68 -3.49 -2.67
N GLY B 171 -37.38 -4.61 -2.72
CA GLY B 171 -38.60 -4.67 -3.50
C GLY B 171 -38.32 -4.86 -4.98
N SER B 172 -37.19 -5.49 -5.28
CA SER B 172 -36.78 -5.80 -6.64
C SER B 172 -37.19 -7.21 -6.97
N GLU B 173 -37.41 -7.48 -8.24
CA GLU B 173 -37.60 -8.85 -8.71
C GLU B 173 -36.26 -9.48 -9.00
N ILE B 174 -36.22 -10.80 -9.06
CA ILE B 174 -34.95 -11.49 -9.26
C ILE B 174 -35.11 -12.74 -10.14
N VAL B 175 -34.15 -12.91 -11.04
CA VAL B 175 -34.02 -14.13 -11.83
C VAL B 175 -32.88 -14.97 -11.30
N MET B 176 -33.16 -16.24 -11.03
CA MET B 176 -32.12 -17.14 -10.52
C MET B 176 -31.89 -18.37 -11.39
N ALA B 177 -30.85 -19.14 -11.07
CA ALA B 177 -30.54 -20.39 -11.78
C ALA B 177 -31.60 -21.49 -11.56
N PRO B 182 -26.34 -25.48 -14.13
CA PRO B 182 -26.80 -24.08 -14.17
C PRO B 182 -25.68 -23.15 -14.69
N ARG B 183 -25.98 -22.35 -15.71
CA ARG B 183 -24.93 -21.57 -16.37
C ARG B 183 -25.17 -20.07 -16.34
N PRO B 184 -24.15 -19.29 -15.89
CA PRO B 184 -24.30 -17.85 -15.66
C PRO B 184 -24.84 -17.16 -16.93
N ALA B 185 -24.27 -17.49 -18.07
CA ALA B 185 -24.65 -16.78 -19.31
C ALA B 185 -26.14 -16.94 -19.57
N ALA B 186 -26.64 -18.15 -19.34
CA ALA B 186 -28.06 -18.42 -19.55
C ALA B 186 -28.97 -17.69 -18.55
N VAL B 187 -28.52 -17.55 -17.30
CA VAL B 187 -29.24 -16.80 -16.29
C VAL B 187 -29.34 -15.36 -16.73
N LEU B 188 -28.22 -14.79 -17.17
CA LEU B 188 -28.20 -13.38 -17.54
C LEU B 188 -29.09 -13.14 -18.77
N SER B 189 -29.01 -14.02 -19.75
CA SER B 189 -29.80 -13.79 -20.97
C SER B 189 -31.29 -13.95 -20.66
N GLN B 190 -31.64 -14.94 -19.84
CA GLN B 190 -33.01 -15.06 -19.34
C GLN B 190 -33.51 -13.77 -18.66
N ALA B 191 -32.69 -13.17 -17.81
CA ALA B 191 -33.08 -11.95 -17.13
C ALA B 191 -33.25 -10.77 -18.09
N VAL B 192 -32.35 -10.67 -19.07
CA VAL B 192 -32.45 -9.55 -19.98
C VAL B 192 -33.70 -9.70 -20.84
N ARG B 193 -33.95 -10.91 -21.31
CA ARG B 193 -35.17 -11.18 -22.08
C ARG B 193 -36.41 -10.82 -21.29
N ARG B 194 -36.45 -11.24 -20.03
CA ARG B 194 -37.60 -11.00 -19.17
C ARG B 194 -37.80 -9.52 -18.96
N ALA B 195 -36.70 -8.77 -18.86
CA ALA B 195 -36.84 -7.35 -18.62
C ALA B 195 -37.39 -6.64 -19.84
N VAL B 196 -37.01 -7.12 -21.02
CA VAL B 196 -37.47 -6.48 -22.25
C VAL B 196 -38.97 -6.77 -22.38
N GLU B 197 -39.35 -8.02 -22.15
CA GLU B 197 -40.77 -8.41 -22.21
C GLU B 197 -41.64 -7.72 -21.16
N GLU B 198 -41.12 -7.56 -19.94
CA GLU B 198 -41.97 -7.11 -18.85
C GLU B 198 -41.76 -5.65 -18.45
N ASP B 199 -41.09 -4.89 -19.31
CA ASP B 199 -41.03 -3.44 -19.14
C ASP B 199 -40.30 -3.01 -17.86
N PHE B 200 -39.23 -3.73 -17.50
CA PHE B 200 -38.34 -3.34 -16.39
C PHE B 200 -37.43 -2.20 -16.84
N ASP B 201 -37.05 -1.29 -15.94
CA ASP B 201 -36.22 -0.16 -16.32
C ASP B 201 -34.72 -0.47 -16.26
N VAL B 202 -34.32 -1.29 -15.30
CA VAL B 202 -32.89 -1.57 -15.07
C VAL B 202 -32.74 -3.02 -14.71
N VAL B 203 -31.74 -3.70 -15.30
CA VAL B 203 -31.37 -5.03 -14.87
C VAL B 203 -30.01 -4.92 -14.16
N LEU B 204 -29.91 -5.46 -12.96
CA LEU B 204 -28.62 -5.46 -12.21
C LEU B 204 -28.08 -6.88 -12.19
N CYS B 205 -26.96 -7.13 -12.87
CA CYS B 205 -26.43 -8.48 -13.01
C CYS B 205 -25.27 -8.77 -12.07
N ASP B 206 -25.32 -9.92 -11.36
CA ASP B 206 -24.15 -10.37 -10.61
C ASP B 206 -23.39 -11.31 -11.52
N THR B 207 -22.09 -11.47 -11.28
CA THR B 207 -21.26 -12.33 -12.11
C THR B 207 -20.24 -13.02 -11.20
N SER B 208 -19.70 -14.13 -11.68
CA SER B 208 -18.69 -14.85 -10.91
C SER B 208 -17.33 -14.16 -11.09
N GLY B 209 -16.50 -14.19 -10.05
CA GLY B 209 -15.17 -13.64 -10.18
C GLY B 209 -14.25 -14.17 -9.09
N ARG B 210 -12.95 -14.17 -9.37
CA ARG B 210 -11.98 -14.58 -8.38
C ARG B 210 -10.87 -13.55 -8.31
N LEU B 211 -10.09 -13.62 -7.25
CA LEU B 211 -8.99 -12.70 -7.05
C LEU B 211 -8.00 -12.85 -8.18
N HIS B 212 -7.73 -14.09 -8.57
CA HIS B 212 -6.87 -14.38 -9.69
C HIS B 212 -7.65 -15.07 -10.80
N THR B 213 -7.76 -14.39 -11.94
CA THR B 213 -8.48 -14.93 -13.08
C THR B 213 -7.73 -16.08 -13.69
N ASN B 214 -8.48 -17.09 -14.10
CA ASN B 214 -7.90 -18.14 -14.92
C ASN B 214 -8.60 -18.14 -16.29
N TYR B 215 -8.11 -18.97 -17.19
CA TYR B 215 -8.64 -19.01 -18.53
C TYR B 215 -10.14 -19.24 -18.52
N ASN B 216 -10.58 -20.19 -17.71
CA ASN B 216 -11.99 -20.59 -17.72
C ASN B 216 -12.88 -19.48 -17.20
N LEU B 217 -12.47 -18.87 -16.10
CA LEU B 217 -13.26 -17.80 -15.50
C LEU B 217 -13.30 -16.63 -16.49
N MET B 218 -12.18 -16.39 -17.16
CA MET B 218 -12.13 -15.31 -18.12
C MET B 218 -13.12 -15.56 -19.25
N GLU B 219 -13.15 -16.80 -19.71
CA GLU B 219 -14.02 -17.23 -20.82
C GLU B 219 -15.48 -17.11 -20.41
N GLU B 220 -15.77 -17.47 -19.16
CA GLU B 220 -17.12 -17.38 -18.63
C GLU B 220 -17.62 -15.93 -18.56
N LEU B 221 -16.80 -15.00 -18.09
CA LEU B 221 -17.24 -13.61 -17.97
C LEU B 221 -17.46 -13.00 -19.34
N ARG B 222 -16.57 -13.30 -20.29
CA ARG B 222 -16.75 -12.78 -21.64
C ARG B 222 -18.03 -13.36 -22.28
N GLY B 223 -18.29 -14.64 -21.99
CA GLY B 223 -19.49 -15.30 -22.47
C GLY B 223 -20.74 -14.68 -21.89
N CYS B 224 -20.65 -14.21 -20.65
CA CYS B 224 -21.75 -13.48 -20.03
C CYS B 224 -22.02 -12.17 -20.75
N LYS B 225 -20.95 -11.43 -21.05
CA LYS B 225 -21.07 -10.17 -21.77
C LYS B 225 -21.74 -10.43 -23.13
N ARG B 226 -21.29 -11.48 -23.82
CA ARG B 226 -21.84 -11.80 -25.14
C ARG B 226 -23.32 -12.17 -25.11
N ALA B 227 -23.70 -13.00 -24.13
CA ALA B 227 -25.10 -13.37 -23.95
C ALA B 227 -25.96 -12.15 -23.67
N VAL B 228 -25.45 -11.22 -22.85
CA VAL B 228 -26.19 -10.03 -22.53
C VAL B 228 -26.41 -9.18 -23.80
N SER B 229 -25.35 -8.99 -24.60
CA SER B 229 -25.42 -8.15 -25.79
C SER B 229 -26.28 -8.80 -26.87
N LYS B 230 -26.27 -10.12 -26.94
CA LYS B 230 -27.18 -10.84 -27.83
C LYS B 230 -28.65 -10.64 -27.47
N ALA B 231 -28.96 -10.69 -26.19
CA ALA B 231 -30.33 -10.53 -25.75
C ALA B 231 -30.80 -9.10 -25.95
N LEU B 232 -29.87 -8.15 -25.82
CA LEU B 232 -30.20 -6.75 -25.99
C LEU B 232 -28.96 -5.98 -26.46
N SER B 233 -28.97 -5.54 -27.70
CA SER B 233 -27.74 -5.05 -28.31
C SER B 233 -27.18 -3.78 -27.67
N SER B 234 -28.03 -3.03 -26.96
CA SER B 234 -27.57 -1.83 -26.24
C SER B 234 -26.88 -2.16 -24.89
N ALA B 235 -26.85 -3.43 -24.54
CA ALA B 235 -26.38 -3.86 -23.22
C ALA B 235 -25.02 -4.57 -23.37
N PRO B 236 -24.20 -4.58 -22.30
CA PRO B 236 -24.41 -3.84 -21.04
C PRO B 236 -24.16 -2.32 -21.18
N ASN B 237 -24.98 -1.50 -20.54
CA ASN B 237 -24.76 -0.06 -20.49
C ASN B 237 -23.61 0.35 -19.57
N GLU B 238 -23.41 -0.43 -18.51
CA GLU B 238 -22.32 -0.21 -17.55
C GLU B 238 -21.71 -1.56 -17.15
N VAL B 239 -20.39 -1.59 -17.00
CA VAL B 239 -19.70 -2.72 -16.36
C VAL B 239 -18.97 -2.11 -15.15
N LEU B 240 -19.45 -2.44 -13.94
CA LEU B 240 -18.98 -1.74 -12.76
C LEU B 240 -18.16 -2.69 -11.95
N LEU B 241 -16.88 -2.34 -11.77
CA LEU B 241 -15.95 -3.19 -11.03
C LEU B 241 -15.93 -2.80 -9.54
N VAL B 242 -16.23 -3.77 -8.68
CA VAL B 242 -16.33 -3.50 -7.23
C VAL B 242 -14.96 -3.85 -6.62
N LEU B 243 -14.34 -2.89 -5.97
CA LEU B 243 -13.02 -3.07 -5.36
C LEU B 243 -13.05 -2.77 -3.85
N ASP B 244 -12.35 -3.59 -3.07
CA ASP B 244 -12.25 -3.35 -1.62
C ASP B 244 -11.25 -2.26 -1.26
N GLY B 245 -11.77 -1.10 -0.83
CA GLY B 245 -10.96 0.07 -0.48
C GLY B 245 -9.99 -0.18 0.65
N THR B 246 -10.25 -1.19 1.46
CA THR B 246 -9.27 -1.47 2.53
C THR B 246 -7.96 -2.02 2.01
N THR B 247 -7.94 -2.56 0.80
CA THR B 247 -6.68 -3.04 0.23
C THR B 247 -5.87 -1.89 -0.36
N GLY B 248 -6.48 -0.72 -0.37
CA GLY B 248 -5.77 0.46 -0.87
C GLY B 248 -5.19 0.31 -2.26
N LEU B 249 -3.95 0.73 -2.45
CA LEU B 249 -3.32 0.73 -3.76
C LEU B 249 -3.19 -0.68 -4.33
N ASN B 250 -3.16 -1.67 -3.44
CA ASN B 250 -3.10 -3.05 -3.89
C ASN B 250 -4.26 -3.47 -4.81
N MET B 251 -5.36 -2.72 -4.77
CA MET B 251 -6.51 -3.00 -5.65
C MET B 251 -6.16 -2.81 -7.13
N LEU B 252 -5.08 -2.09 -7.45
CA LEU B 252 -4.75 -1.82 -8.86
C LEU B 252 -4.48 -3.10 -9.65
N ALA B 253 -3.90 -4.13 -9.00
CA ALA B 253 -3.55 -5.35 -9.70
C ALA B 253 -4.81 -6.03 -10.19
N GLN B 254 -5.79 -6.20 -9.32
CA GLN B 254 -6.99 -6.89 -9.78
C GLN B 254 -7.80 -5.99 -10.73
N ALA B 255 -7.71 -4.68 -10.58
CA ALA B 255 -8.41 -3.77 -11.50
C ALA B 255 -7.86 -3.86 -12.94
N ARG B 256 -6.54 -3.95 -13.07
CA ARG B 256 -5.92 -4.09 -14.38
C ARG B 256 -6.33 -5.41 -15.00
N GLU B 257 -6.33 -6.46 -14.20
CA GLU B 257 -6.68 -7.79 -14.68
C GLU B 257 -8.12 -7.85 -15.15
N PHE B 258 -9.04 -7.32 -14.36
CA PHE B 258 -10.45 -7.34 -14.78
C PHE B 258 -10.70 -6.52 -16.04
N ASN B 259 -10.07 -5.38 -16.15
CA ASN B 259 -10.26 -4.55 -17.34
C ASN B 259 -9.70 -5.23 -18.59
N GLN B 260 -8.74 -6.14 -18.43
CA GLN B 260 -8.29 -6.88 -19.58
C GLN B 260 -9.36 -7.88 -20.02
N VAL B 261 -10.10 -8.42 -19.06
CA VAL B 261 -11.14 -9.40 -19.40
C VAL B 261 -12.36 -8.74 -20.05
N ILE B 262 -12.78 -7.61 -19.51
CA ILE B 262 -14.03 -7.01 -19.93
C ILE B 262 -13.89 -5.50 -19.81
N GLY B 263 -14.52 -4.73 -20.70
CA GLY B 263 -14.41 -3.28 -20.67
C GLY B 263 -15.13 -2.67 -19.46
N VAL B 264 -14.37 -2.35 -18.42
CA VAL B 264 -14.91 -1.72 -17.20
C VAL B 264 -15.26 -0.25 -17.48
N THR B 265 -16.46 0.17 -17.12
CA THR B 265 -16.89 1.53 -17.38
C THR B 265 -16.83 2.40 -16.14
N GLY B 266 -16.74 1.76 -14.97
CA GLY B 266 -16.66 2.50 -13.73
C GLY B 266 -16.25 1.66 -12.54
N PHE B 267 -15.69 2.31 -11.52
CA PHE B 267 -15.34 1.59 -10.30
C PHE B 267 -16.31 1.90 -9.20
N ILE B 268 -16.51 0.91 -8.33
CA ILE B 268 -17.16 1.12 -7.05
C ILE B 268 -16.19 0.67 -5.94
N LEU B 269 -15.76 1.62 -5.11
CA LEU B 269 -14.77 1.32 -4.07
C LEU B 269 -15.50 1.22 -2.74
N THR B 270 -15.54 0.01 -2.20
CA THR B 270 -16.25 -0.22 -0.94
C THR B 270 -15.39 -0.10 0.32
N LYS B 271 -16.06 -0.03 1.48
CA LYS B 271 -15.37 -0.13 2.77
C LYS B 271 -14.36 0.95 3.04
N LEU B 272 -14.59 2.14 2.52
CA LEU B 272 -13.63 3.22 2.68
C LEU B 272 -13.69 3.81 4.08
N ASP B 273 -14.80 3.53 4.76
CA ASP B 273 -15.02 4.04 6.12
C ASP B 273 -13.96 3.49 7.04
N GLY B 274 -13.40 4.39 7.81
CA GLY B 274 -12.21 4.04 8.55
C GLY B 274 -10.96 3.63 7.78
N THR B 275 -10.92 3.68 6.45
CA THR B 275 -9.65 3.33 5.83
C THR B 275 -8.74 4.52 6.09
N ALA B 276 -7.43 4.31 6.26
CA ALA B 276 -6.60 5.50 6.18
C ALA B 276 -6.08 5.69 4.77
N ARG B 277 -6.29 4.69 3.93
CA ARG B 277 -5.69 4.65 2.59
C ARG B 277 -6.54 5.29 1.51
N GLY B 278 -7.26 6.37 1.85
CA GLY B 278 -8.21 6.99 0.94
C GLY B 278 -7.63 7.60 -0.33
N GLY B 279 -6.32 7.86 -0.32
CA GLY B 279 -5.64 8.34 -1.53
C GLY B 279 -5.73 7.37 -2.69
N CYS B 280 -6.04 6.11 -2.39
CA CYS B 280 -6.15 5.10 -3.46
C CYS B 280 -7.23 5.44 -4.48
N VAL B 281 -8.22 6.24 -4.09
CA VAL B 281 -9.23 6.71 -5.01
C VAL B 281 -8.60 7.52 -6.14
N VAL B 282 -7.70 8.42 -5.76
CA VAL B 282 -7.02 9.26 -6.74
C VAL B 282 -6.09 8.45 -7.62
N SER B 283 -5.36 7.53 -7.00
CA SER B 283 -4.43 6.70 -7.75
C SER B 283 -5.12 5.82 -8.78
N VAL B 284 -6.22 5.17 -8.39
CA VAL B 284 -6.94 4.35 -9.38
C VAL B 284 -7.51 5.15 -10.56
N VAL B 285 -8.03 6.33 -10.29
CA VAL B 285 -8.52 7.17 -11.41
C VAL B 285 -7.33 7.59 -12.28
N ASP B 286 -6.28 8.03 -11.62
CA ASP B 286 -5.10 8.55 -12.33
C ASP B 286 -4.44 7.47 -13.17
N GLU B 287 -4.27 6.27 -12.60
CA GLU B 287 -3.55 5.22 -13.31
C GLU B 287 -4.41 4.54 -14.39
N LEU B 288 -5.71 4.36 -14.13
CA LEU B 288 -6.52 3.53 -15.02
C LEU B 288 -7.38 4.33 -15.99
N SER B 289 -7.50 5.63 -15.76
CA SER B 289 -8.25 6.52 -16.66
C SER B 289 -9.72 6.06 -16.79
N ILE B 290 -10.28 5.55 -15.70
CA ILE B 290 -11.68 5.12 -15.65
C ILE B 290 -12.24 5.75 -14.37
N PRO B 291 -13.46 6.28 -14.42
CA PRO B 291 -13.97 6.98 -13.25
C PRO B 291 -14.38 6.08 -12.10
N VAL B 292 -14.19 6.58 -10.89
CA VAL B 292 -14.85 6.01 -9.73
C VAL B 292 -16.29 6.56 -9.75
N LYS B 293 -17.28 5.65 -9.73
CA LYS B 293 -18.67 6.09 -9.82
C LYS B 293 -19.42 6.11 -8.50
N PHE B 294 -19.08 5.19 -7.60
CA PHE B 294 -19.64 5.15 -6.23
C PHE B 294 -18.56 4.82 -5.20
N VAL B 295 -18.74 5.33 -3.98
CA VAL B 295 -17.88 4.94 -2.85
C VAL B 295 -18.74 4.43 -1.71
N GLY B 296 -18.33 3.31 -1.13
CA GLY B 296 -19.05 2.75 -0.01
C GLY B 296 -18.42 3.29 1.27
N VAL B 297 -19.21 4.04 2.06
CA VAL B 297 -18.64 4.74 3.20
C VAL B 297 -19.25 4.35 4.53
N GLY B 298 -19.86 3.18 4.56
CA GLY B 298 -20.48 2.70 5.77
C GLY B 298 -21.25 1.41 5.53
N GLU B 299 -21.72 0.83 6.63
CA GLU B 299 -22.42 -0.45 6.58
C GLU B 299 -23.92 -0.28 6.29
N GLY B 300 -24.42 0.94 6.39
CA GLY B 300 -25.82 1.22 6.12
C GLY B 300 -26.24 0.95 4.67
N ILE B 301 -27.52 0.67 4.46
CA ILE B 301 -28.00 0.47 3.10
C ILE B 301 -27.86 1.73 2.26
N ASP B 302 -27.88 2.90 2.88
CA ASP B 302 -27.74 4.16 2.14
C ASP B 302 -26.30 4.66 2.10
N ASP B 303 -25.38 3.83 2.57
CA ASP B 303 -24.00 4.28 2.67
C ASP B 303 -23.17 4.08 1.38
N LEU B 304 -23.84 3.74 0.30
CA LEU B 304 -23.21 3.71 -1.03
C LEU B 304 -23.56 5.02 -1.72
N GLN B 305 -22.56 5.88 -1.92
CA GLN B 305 -22.78 7.24 -2.39
C GLN B 305 -22.16 7.38 -3.76
N PRO B 306 -22.80 8.20 -4.61
CA PRO B 306 -22.25 8.55 -5.92
C PRO B 306 -21.00 9.40 -5.68
N PHE B 307 -20.01 9.21 -6.53
CA PHE B 307 -18.76 9.92 -6.34
C PHE B 307 -18.80 11.31 -6.96
N ASP B 308 -18.24 12.30 -6.26
CA ASP B 308 -18.06 13.64 -6.84
C ASP B 308 -16.67 14.12 -6.41
N ALA B 309 -15.85 14.54 -7.37
CA ALA B 309 -14.44 14.86 -7.11
C ALA B 309 -14.28 16.02 -6.12
N GLN B 310 -15.02 17.11 -6.33
CA GLN B 310 -14.94 18.22 -5.37
C GLN B 310 -15.32 17.83 -3.93
N SER B 311 -16.41 17.08 -3.75
CA SER B 311 -16.85 16.64 -2.42
C SER B 311 -15.81 15.76 -1.77
N PHE B 312 -15.20 14.90 -2.57
CA PHE B 312 -14.14 14.03 -2.07
C PHE B 312 -12.94 14.83 -1.59
N VAL B 313 -12.51 15.79 -2.41
CA VAL B 313 -11.36 16.61 -2.04
C VAL B 313 -11.65 17.40 -0.76
N ASP B 314 -12.88 17.90 -0.63
CA ASP B 314 -13.27 18.64 0.57
C ASP B 314 -13.35 17.76 1.81
N ALA B 315 -13.62 16.48 1.60
CA ALA B 315 -13.67 15.53 2.69
C ALA B 315 -12.26 15.20 3.20
N LEU B 316 -11.28 15.18 2.30
CA LEU B 316 -9.91 14.86 2.71
C LEU B 316 -9.25 16.09 3.29
N PHE B 317 -9.64 17.24 2.76
CA PHE B 317 -9.01 18.51 3.13
C PHE B 317 -10.04 19.59 3.38
N PRO B 318 -10.78 19.50 4.49
CA PRO B 318 -11.83 20.48 4.74
C PRO B 318 -11.23 21.86 5.07
#